data_6N5T
#
_entry.id   6N5T
#
_cell.length_a   113.810
_cell.length_b   113.810
_cell.length_c   114.990
_cell.angle_alpha   90.000
_cell.angle_beta   90.000
_cell.angle_gamma   120.000
#
_symmetry.space_group_name_H-M   'P 31 2 1'
#
loop_
_entity.id
_entity.type
_entity.pdbx_description
1 polymer 'RNA (126-MER)'
2 non-polymer "(2R,3R,3aS,5R,7aR,9R,10R,10aS,12R,14aR)-2,9-bis(6-amino-9H-purin-9-yl)octahydro-2H,7H-difuro[3,2-d:3',2'-j][1,3,7,9,2,8 ]tetraoxadiphosphacyclododecine-3,5,10,12-tetrol 5,12-dioxide"
3 non-polymer 'MAGNESIUM ION'
4 non-polymer 'POTASSIUM ION'
5 non-polymer 'SULFATE ION'
#
_entity_poly.entity_id   1
_entity_poly.type   'polyribonucleotide'
_entity_poly.pdbx_seq_one_letter_code
;(GTP)GUUGCCGAAUCCCCUAGAAAGGUACGGAGGAACCGCUUUUUGGGGUUAAUCUGCAGUGAAGCUGCAGUAGGGAUA
CCUUCUGUCCCGCACCCGACAGCUAACUCCGGAGGCAAUAAAGGAAGGAG
;
_entity_poly.pdbx_strand_id   A
#
loop_
_chem_comp.id
_chem_comp.type
_chem_comp.name
_chem_comp.formula
2BA non-polymer '(2R,3R,3aS,5R,7aR,9R,10R,10aS,12R,14aR)-2,9-bis(6-amino-9H-purin-9-yl)octahydro-2H,7H-difuro[3,2-d:3',2'-j][1,3,7,9,2,8 ]tetraoxadiphosphacyclododecine-3,5,10,12-tetrol 5,12-dioxide' 'C20 H24 N10 O12 P2'
A RNA linking ADENOSINE-5'-MONOPHOSPHATE 'C10 H14 N5 O7 P'
C RNA linking CYTIDINE-5'-MONOPHOSPHATE 'C9 H14 N3 O8 P'
G RNA linking GUANOSINE-5'-MONOPHOSPHATE 'C10 H14 N5 O8 P'
GTP non-polymer GUANOSINE-5'-TRIPHOSPHATE 'C10 H16 N5 O14 P3'
K non-polymer 'POTASSIUM ION' 'K 1'
MG non-polymer 'MAGNESIUM ION' 'Mg 2'
SO4 non-polymer 'SULFATE ION' 'O4 S -2'
U RNA linking URIDINE-5'-MONOPHOSPHATE 'C9 H13 N2 O9 P'
#
# COMPACT_ATOMS: atom_id res chain seq x y z
O3B GTP A 1 -5.36 2.05 14.54
PB GTP A 1 -5.30 1.52 13.02
O1B GTP A 1 -4.01 0.76 12.84
O2B GTP A 1 -5.40 2.66 12.03
O3A GTP A 1 -6.54 0.51 12.86
PA GTP A 1 -8.01 0.96 13.34
O1A GTP A 1 -9.01 -0.15 13.08
O2A GTP A 1 -8.02 1.35 14.80
O5' GTP A 1 -8.36 2.24 12.43
C5' GTP A 1 -9.69 2.38 11.98
C4' GTP A 1 -9.78 2.70 10.48
O4' GTP A 1 -8.53 2.67 9.82
C3' GTP A 1 -10.63 1.70 9.75
O3' GTP A 1 -12.01 1.95 9.89
C2' GTP A 1 -10.16 1.88 8.33
O2' GTP A 1 -10.85 2.97 7.75
C1' GTP A 1 -8.69 2.24 8.48
N9 GTP A 1 -7.91 1.00 8.30
C8 GTP A 1 -6.99 0.51 9.19
N7 GTP A 1 -6.48 -0.64 8.69
C5 GTP A 1 -7.05 -0.89 7.51
C6 GTP A 1 -6.88 -1.93 6.60
O6 GTP A 1 -6.08 -2.83 6.83
N1 GTP A 1 -7.61 -1.94 5.43
C2 GTP A 1 -8.51 -0.93 5.17
N2 GTP A 1 -9.21 -0.94 4.05
N3 GTP A 1 -8.67 0.10 6.08
C4 GTP A 1 -7.96 0.12 7.24
P 2BA B . 1.73 -16.57 1.65
O1P 2BA B . 2.26 -15.90 2.89
O2P 2BA B . 1.81 -18.06 1.49
O5' 2BA B . 0.19 -16.14 1.47
C5' 2BA B . -0.66 -16.95 0.67
C4' 2BA B . -2.07 -16.37 0.65
O4' 2BA B . -2.73 -16.74 1.85
C3' 2BA B . -2.10 -14.86 0.60
O3' 2BA B . -2.34 -14.39 -0.73
C2' 2BA B . -3.25 -14.46 1.50
O2' 2BA B . -4.39 -14.24 0.67
C1' 2BA B . -3.52 -15.68 2.38
N9 2BA B . -3.08 -15.47 3.78
C8 2BA B . -1.81 -15.30 4.20
N7 2BA B . -1.75 -15.15 5.55
C5 2BA B . -3.01 -15.24 6.02
C6 2BA B . -3.66 -15.17 7.35
N6 2BA B . -2.94 -14.97 8.48
N1 2BA B . -5.00 -15.31 7.39
C2 2BA B . -5.73 -15.51 6.28
N3 2BA B . -5.21 -15.58 5.05
C4 2BA B . -3.88 -15.44 4.85
P1 2BA B . -1.50 -13.15 -1.30
O1P1 2BA B . -1.83 -11.93 -0.48
O2P1 2BA B . -1.67 -13.14 -2.80
O5'1 2BA B . 0.02 -13.60 -0.97
C5'1 2BA B . 0.92 -13.96 -2.01
C4'1 2BA B . 2.28 -14.28 -1.42
O4'1 2BA B . 3.16 -13.18 -1.67
C3'1 2BA B . 2.27 -14.50 0.08
O3'1 2BA B . 2.43 -15.88 0.37
C2'1 2BA B . 3.47 -13.76 0.62
O2'1 2BA B . 4.52 -14.70 0.86
C1'1 2BA B . 3.89 -12.83 -0.50
N91 2BA B . 3.55 -11.43 -0.13
C81 2BA B . 2.31 -11.00 0.19
N71 2BA B . 2.33 -9.68 0.50
C51 2BA B . 3.59 -9.25 0.38
C61 2BA B . 4.30 -7.97 0.56
N61 2BA B . 3.64 -6.85 0.94
N11 2BA B . 5.63 -7.95 0.33
C21 2BA B . 6.30 -9.05 -0.04
N31 2BA B . 5.72 -10.26 -0.21
C41 2BA B . 4.40 -10.42 -0.03
P 2BA C . 1.05 12.74 -8.98
O1P 2BA C . 1.77 12.96 -7.67
O2P 2BA C . 0.51 13.92 -9.75
O5' 2BA C . 2.02 11.91 -9.96
C5' 2BA C . 1.74 11.86 -11.36
C4' 2BA C . 2.76 10.98 -12.06
O4' 2BA C . 3.97 11.72 -12.19
C3' 2BA C . 3.10 9.75 -11.24
O3' 2BA C . 2.40 8.63 -11.74
C2' 2BA C . 4.60 9.56 -11.42
O2' 2BA C . 4.83 8.55 -12.40
C1' 2BA C . 5.11 10.89 -11.94
N9 2BA C . 5.92 11.56 -10.88
C8 2BA C . 5.45 12.01 -9.70
N7 2BA C . 6.45 12.57 -8.97
C5 2BA C . 7.58 12.49 -9.69
C6 2BA C . 8.99 12.88 -9.52
N6 2BA C . 9.42 13.50 -8.39
N1 2BA C . 9.85 12.61 -10.53
C2 2BA C . 9.44 12.00 -11.65
N3 2BA C . 8.18 11.60 -11.88
C4 2BA C . 7.22 11.82 -10.96
P1 2BA C . 1.90 7.52 -10.69
O1P1 2BA C . 3.11 7.01 -9.95
O2P1 2BA C . 1.00 6.58 -11.45
O5'1 2BA C . 1.01 8.41 -9.69
C5'1 2BA C . -0.40 8.50 -9.84
C4'1 2BA C . -0.96 9.41 -8.75
O4'1 2BA C . -1.39 8.61 -7.65
C3'1 2BA C . 0.06 10.40 -8.20
O3'1 2BA C . -0.16 11.70 -8.73
C2'1 2BA C . -0.16 10.41 -6.71
O2'1 2BA C . -0.90 11.59 -6.37
C1'1 2BA C . -1.00 9.18 -6.40
N91 2BA C . -0.15 8.21 -5.69
C81 2BA C . 1.02 7.70 -6.15
N71 2BA C . 1.56 6.83 -5.24
C51 2BA C . 0.74 6.79 -4.19
C61 2BA C . 0.71 6.08 -2.90
N61 2BA C . 1.71 5.23 -2.56
N11 2BA C . -0.33 6.32 -2.07
C21 2BA C . -1.33 7.16 -2.41
N31 2BA C . -1.37 7.84 -3.56
C41 2BA C . -0.39 7.70 -4.47
MG MG D . 11.76 17.83 -4.22
MG MG E . 9.64 8.71 -1.00
K K F . -14.21 4.25 8.09
MG MG G . 15.21 22.12 -6.31
MG MG H . 1.59 -6.07 7.54
S SO4 I . 14.90 19.55 6.93
O1 SO4 I . 15.54 18.31 7.37
O2 SO4 I . 13.49 19.54 7.32
O3 SO4 I . 15.56 20.70 7.54
O4 SO4 I . 15.00 19.65 5.48
#